data_5NU5
#
_entry.id   5NU5
#
_cell.length_a   37.920
_cell.length_b   82.433
_cell.length_c   42.608
_cell.angle_alpha   90.000
_cell.angle_beta   110.770
_cell.angle_gamma   90.000
#
_symmetry.space_group_name_H-M   'P 1 21 1'
#
loop_
_entity.id
_entity.type
_entity.pdbx_description
1 polymer 'Histone acetyltransferase p300'
2 non-polymer ~{N}-[[2,8-bis(oxidanyl)naphthalen-1-yl]methyl]-4-ethanoyl-3-ethyl-5-methyl-1~{H}-pyrrole-2-carboxamide
3 non-polymer 1,2-ETHANEDIOL
4 water water
#
_entity_poly.entity_id   1
_entity_poly.type   'polypeptide(L)'
_entity_poly.pdbx_seq_one_letter_code
;SMIFKPEELRQALMPTLEALYRQDPESLPFRQPVDPQLLGIPDYFDIVKSPMDLSTIKRKLDTGQYQEPWQYVDDIWLMF
NNAWLYNRKTSRVYKYCSKLSEVFEQEIDPVMQSLG
;
_entity_poly.pdbx_strand_id   A,B
#
loop_
_chem_comp.id
_chem_comp.type
_chem_comp.name
_chem_comp.formula
99E non-polymer ~{N}-[[2,8-bis(oxidanyl)naphthalen-1-yl]methyl]-4-ethanoyl-3-ethyl-5-methyl-1~{H}-pyrrole-2-carboxamide 'C21 H22 N2 O4'
EDO non-polymer 1,2-ETHANEDIOL 'C2 H6 O2'
#
# COMPACT_ATOMS: atom_id res chain seq x y z
N SER A 1 16.01 -21.67 -1.46
CA SER A 1 16.62 -20.42 -0.92
CA SER A 1 16.62 -20.43 -0.91
C SER A 1 16.55 -20.40 0.62
N MET A 2 17.47 -19.64 1.22
CA MET A 2 17.51 -19.50 2.66
C MET A 2 16.32 -18.64 3.13
N ILE A 3 15.69 -19.06 4.22
CA ILE A 3 14.52 -18.38 4.75
C ILE A 3 14.96 -17.13 5.53
N PHE A 4 14.15 -16.08 5.47
CA PHE A 4 14.31 -14.91 6.34
C PHE A 4 12.99 -14.69 7.06
N LYS A 5 13.03 -14.59 8.39
CA LYS A 5 11.83 -14.29 9.16
C LYS A 5 11.55 -12.79 9.15
N PRO A 6 10.27 -12.40 9.22
CA PRO A 6 9.94 -10.97 9.21
C PRO A 6 10.63 -10.14 10.29
N GLU A 7 10.74 -10.70 11.49
CA GLU A 7 11.38 -9.99 12.60
C GLU A 7 12.87 -9.78 12.30
N GLU A 8 13.50 -10.78 11.71
CA GLU A 8 14.89 -10.67 11.31
C GLU A 8 15.08 -9.58 10.26
N LEU A 9 14.19 -9.51 9.27
CA LEU A 9 14.32 -8.50 8.23
C LEU A 9 14.07 -7.10 8.76
N ARG A 10 13.08 -6.96 9.64
CA ARG A 10 12.77 -5.65 10.20
CA ARG A 10 12.78 -5.64 10.19
C ARG A 10 13.97 -5.15 11.03
N GLN A 11 14.48 -6.02 11.89
CA GLN A 11 15.61 -5.66 12.75
CA GLN A 11 15.61 -5.69 12.75
C GLN A 11 16.82 -5.24 11.91
N ALA A 12 17.09 -5.95 10.82
CA ALA A 12 18.24 -5.64 9.98
C ALA A 12 18.04 -4.42 9.08
N LEU A 13 16.87 -4.30 8.46
CA LEU A 13 16.67 -3.31 7.40
C LEU A 13 16.12 -1.97 7.89
N MET A 14 15.35 -1.99 8.99
CA MET A 14 14.75 -0.73 9.47
C MET A 14 15.77 0.40 9.70
N PRO A 15 16.99 0.09 10.20
CA PRO A 15 17.98 1.18 10.32
C PRO A 15 18.34 1.87 9.00
N THR A 16 18.27 1.14 7.89
CA THR A 16 18.53 1.76 6.60
C THR A 16 17.36 2.66 6.18
N LEU A 17 16.14 2.31 6.58
CA LEU A 17 14.98 3.17 6.32
C LEU A 17 15.04 4.40 7.22
N GLU A 18 15.42 4.18 8.48
CA GLU A 18 15.68 5.27 9.42
C GLU A 18 16.67 6.28 8.88
N ALA A 19 17.73 5.81 8.23
CA ALA A 19 18.72 6.70 7.66
C ALA A 19 18.10 7.65 6.66
N LEU A 20 17.09 7.18 5.93
CA LEU A 20 16.39 8.03 4.98
C LEU A 20 15.47 9.00 5.70
N TYR A 21 14.71 8.53 6.69
CA TYR A 21 13.84 9.43 7.45
C TYR A 21 14.65 10.55 8.14
N ARG A 22 15.87 10.22 8.55
CA ARG A 22 16.79 11.19 9.14
C ARG A 22 17.22 12.33 8.25
N GLN A 23 17.13 12.13 6.94
CA GLN A 23 17.44 13.20 6.00
C GLN A 23 16.26 14.15 5.98
N ASP A 24 16.42 15.27 6.66
CA ASP A 24 15.38 16.27 6.83
C ASP A 24 16.04 17.57 6.38
N PRO A 25 15.56 18.21 5.29
CA PRO A 25 14.26 18.04 4.64
C PRO A 25 14.13 17.03 3.49
N GLU A 26 15.21 16.36 3.12
CA GLU A 26 15.24 15.61 1.86
C GLU A 26 14.22 14.47 1.78
N SER A 27 13.90 13.83 2.91
CA SER A 27 12.91 12.76 2.93
C SER A 27 11.47 13.26 2.93
N LEU A 28 11.23 14.54 3.20
CA LEU A 28 9.86 15.01 3.41
C LEU A 28 8.92 14.73 2.24
N PRO A 29 9.36 14.96 0.98
CA PRO A 29 8.47 14.65 -0.13
C PRO A 29 8.22 13.16 -0.34
N PHE A 30 8.93 12.29 0.39
CA PHE A 30 8.87 10.83 0.21
C PHE A 30 8.19 10.10 1.37
N ARG A 31 7.71 10.85 2.37
CA ARG A 31 7.16 10.24 3.58
C ARG A 31 5.70 9.78 3.45
N GLN A 32 5.06 10.12 2.35
CA GLN A 32 3.68 9.75 2.07
C GLN A 32 3.52 9.56 0.58
N PRO A 33 2.50 8.81 0.15
CA PRO A 33 2.27 8.66 -1.28
C PRO A 33 2.03 10.00 -1.97
N VAL A 34 2.55 10.12 -3.19
CA VAL A 34 2.25 11.28 -4.02
C VAL A 34 0.73 11.38 -4.22
N ASP A 35 0.16 12.55 -3.92
CA ASP A 35 -1.24 12.85 -4.18
C ASP A 35 -1.29 13.85 -5.36
N PRO A 36 -1.55 13.35 -6.58
CA PRO A 36 -1.48 14.24 -7.75
C PRO A 36 -2.49 15.39 -7.76
N GLN A 37 -3.63 15.20 -7.12
CA GLN A 37 -4.66 16.25 -7.03
C GLN A 37 -4.17 17.40 -6.16
N LEU A 38 -3.73 17.07 -4.95
CA LEU A 38 -3.15 18.06 -4.03
C LEU A 38 -1.95 18.79 -4.65
N LEU A 39 -1.09 18.05 -5.33
CA LEU A 39 0.16 18.60 -5.87
C LEU A 39 0.01 19.21 -7.26
N GLY A 40 -1.18 19.13 -7.85
CA GLY A 40 -1.46 19.78 -9.13
C GLY A 40 -0.68 19.20 -10.29
N ILE A 41 -0.55 17.88 -10.29
CA ILE A 41 0.21 17.17 -11.33
C ILE A 41 -0.63 16.02 -11.88
N PRO A 42 -1.68 16.35 -12.65
CA PRO A 42 -2.62 15.32 -13.09
C PRO A 42 -2.04 14.22 -13.98
N ASP A 43 -0.86 14.44 -14.56
CA ASP A 43 -0.23 13.42 -15.38
C ASP A 43 0.63 12.43 -14.59
N TYR A 44 0.68 12.55 -13.27
CA TYR A 44 1.60 11.74 -12.47
C TYR A 44 1.41 10.23 -12.72
N PHE A 45 0.18 9.76 -12.61
CA PHE A 45 -0.09 8.32 -12.78
C PHE A 45 0.01 7.85 -14.24
N ASP A 46 -0.01 8.79 -15.18
CA ASP A 46 0.29 8.46 -16.58
C ASP A 46 1.77 8.14 -16.78
N ILE A 47 2.62 8.74 -15.96
CA ILE A 47 4.07 8.56 -16.05
C ILE A 47 4.58 7.51 -15.08
N VAL A 48 4.11 7.54 -13.85
CA VAL A 48 4.55 6.62 -12.79
C VAL A 48 3.48 5.55 -12.60
N LYS A 49 3.76 4.37 -13.12
CA LYS A 49 2.82 3.26 -13.12
C LYS A 49 2.83 2.43 -11.83
N SER A 50 3.91 2.49 -11.06
CA SER A 50 4.02 1.75 -9.80
C SER A 50 4.50 2.68 -8.70
N PRO A 51 3.58 3.48 -8.13
CA PRO A 51 3.97 4.42 -7.08
C PRO A 51 4.55 3.73 -5.84
N MET A 52 5.48 4.40 -5.18
CA MET A 52 6.09 3.87 -3.97
C MET A 52 6.58 5.02 -3.11
N ASP A 53 6.50 4.85 -1.80
CA ASP A 53 7.00 5.86 -0.86
C ASP A 53 7.45 5.20 0.43
N LEU A 54 8.04 6.00 1.30
CA LEU A 54 8.60 5.48 2.55
C LEU A 54 7.53 4.89 3.46
N SER A 55 6.34 5.49 3.50
CA SER A 55 5.29 4.97 4.40
C SER A 55 4.84 3.58 3.98
N THR A 56 4.79 3.34 2.68
CA THR A 56 4.41 2.02 2.16
C THR A 56 5.48 0.99 2.52
N ILE A 57 6.74 1.36 2.32
CA ILE A 57 7.86 0.48 2.63
C ILE A 57 7.92 0.18 4.12
N LYS A 58 7.73 1.20 4.95
CA LYS A 58 7.73 1.00 6.39
C LYS A 58 6.63 0.02 6.80
N ARG A 59 5.44 0.19 6.23
CA ARG A 59 4.31 -0.70 6.55
C ARG A 59 4.63 -2.14 6.17
N LYS A 60 5.27 -2.32 5.02
CA LYS A 60 5.65 -3.66 4.56
C LYS A 60 6.65 -4.31 5.51
N LEU A 61 7.64 -3.53 5.96
CA LEU A 61 8.58 -4.02 6.98
C LEU A 61 7.88 -4.33 8.30
N ASP A 62 6.98 -3.45 8.72
CA ASP A 62 6.30 -3.58 10.01
C ASP A 62 5.39 -4.82 10.05
N THR A 63 4.78 -5.14 8.93
CA THR A 63 3.80 -6.23 8.85
C THR A 63 4.39 -7.53 8.32
N GLY A 64 5.62 -7.49 7.85
CA GLY A 64 6.33 -8.70 7.41
C GLY A 64 6.05 -9.14 5.99
N GLN A 65 5.86 -8.19 5.08
CA GLN A 65 5.51 -8.49 3.70
C GLN A 65 6.71 -8.80 2.81
N TYR A 66 7.94 -8.66 3.31
CA TYR A 66 9.13 -9.02 2.51
C TYR A 66 9.59 -10.42 2.91
N GLN A 67 9.78 -11.29 1.92
CA GLN A 67 10.30 -12.63 2.17
C GLN A 67 11.83 -12.65 2.18
N GLU A 68 12.45 -11.72 1.47
CA GLU A 68 13.90 -11.67 1.41
C GLU A 68 14.34 -10.22 1.15
N PRO A 69 15.55 -9.87 1.57
CA PRO A 69 15.88 -8.43 1.67
C PRO A 69 15.98 -7.68 0.34
N TRP A 70 16.25 -8.37 -0.76
CA TRP A 70 16.30 -7.69 -2.05
C TRP A 70 14.94 -7.14 -2.49
N GLN A 71 13.86 -7.70 -1.96
CA GLN A 71 12.53 -7.14 -2.24
C GLN A 71 12.37 -5.75 -1.65
N TYR A 72 12.95 -5.56 -0.46
CA TYR A 72 12.99 -4.23 0.17
C TYR A 72 13.83 -3.25 -0.66
N VAL A 73 15.03 -3.69 -1.04
CA VAL A 73 15.91 -2.88 -1.89
C VAL A 73 15.18 -2.47 -3.17
N ASP A 74 14.45 -3.42 -3.78
CA ASP A 74 13.68 -3.13 -4.99
C ASP A 74 12.65 -2.03 -4.80
N ASP A 75 11.96 -2.02 -3.67
CA ASP A 75 10.99 -0.97 -3.38
C ASP A 75 11.64 0.39 -3.17
N ILE A 76 12.75 0.40 -2.46
CA ILE A 76 13.51 1.65 -2.27
C ILE A 76 13.92 2.20 -3.65
N TRP A 77 14.51 1.36 -4.50
CA TRP A 77 14.93 1.78 -5.84
CA TRP A 77 14.95 1.87 -5.79
C TRP A 77 13.76 2.24 -6.69
N LEU A 78 12.62 1.59 -6.53
CA LEU A 78 11.43 1.96 -7.28
C LEU A 78 11.02 3.39 -6.91
N MET A 79 11.01 3.67 -5.62
CA MET A 79 10.71 5.03 -5.14
C MET A 79 11.65 6.07 -5.75
N PHE A 80 12.95 5.78 -5.77
CA PHE A 80 13.92 6.71 -6.35
C PHE A 80 13.73 6.86 -7.86
N ASN A 81 13.60 5.73 -8.54
CA ASN A 81 13.46 5.75 -9.99
C ASN A 81 12.22 6.52 -10.43
N ASN A 82 11.13 6.39 -9.67
CA ASN A 82 9.91 7.16 -9.98
C ASN A 82 10.17 8.65 -9.92
N ALA A 83 10.85 9.09 -8.89
CA ALA A 83 11.11 10.53 -8.71
C ALA A 83 12.07 11.05 -9.77
N TRP A 84 13.09 10.27 -10.12
CA TRP A 84 14.00 10.70 -11.17
C TRP A 84 13.34 10.71 -12.54
N LEU A 85 12.37 9.82 -12.74
CA LEU A 85 11.61 9.75 -13.99
C LEU A 85 10.71 10.98 -14.15
N TYR A 86 9.96 11.30 -13.10
CA TYR A 86 8.91 12.29 -13.22
C TYR A 86 9.41 13.73 -13.15
N ASN A 87 10.29 14.00 -12.19
CA ASN A 87 10.72 15.36 -11.89
C ASN A 87 11.83 15.82 -12.81
N ARG A 88 11.85 17.11 -13.10
CA ARG A 88 12.93 17.68 -13.91
C ARG A 88 14.26 17.55 -13.19
N LYS A 89 15.31 17.41 -13.97
CA LYS A 89 16.64 17.10 -13.42
C LYS A 89 17.23 18.21 -12.56
N THR A 90 16.70 19.42 -12.67
CA THR A 90 17.13 20.56 -11.85
C THR A 90 16.21 20.80 -10.66
N SER A 91 15.15 20.01 -10.52
CA SER A 91 14.13 20.28 -9.51
C SER A 91 14.56 19.85 -8.12
N ARG A 92 13.93 20.47 -7.13
CA ARG A 92 14.21 20.17 -5.75
C ARG A 92 13.96 18.70 -5.41
N VAL A 93 12.83 18.17 -5.85
CA VAL A 93 12.54 16.78 -5.49
C VAL A 93 13.50 15.79 -6.16
N TYR A 94 13.92 16.07 -7.39
CA TYR A 94 14.94 15.27 -8.07
C TYR A 94 16.25 15.31 -7.26
N LYS A 95 16.66 16.50 -6.84
CA LYS A 95 17.88 16.64 -6.04
C LYS A 95 17.77 15.95 -4.67
N TYR A 96 16.62 16.10 -4.02
CA TYR A 96 16.37 15.39 -2.76
C TYR A 96 16.46 13.88 -2.94
N CYS A 97 15.87 13.37 -4.02
CA CYS A 97 15.95 11.96 -4.36
C CYS A 97 17.40 11.50 -4.47
N SER A 98 18.21 12.27 -5.21
CA SER A 98 19.62 11.94 -5.35
C SER A 98 20.34 11.89 -4.00
N LYS A 99 20.03 12.80 -3.10
CA LYS A 99 20.62 12.75 -1.76
C LYS A 99 20.21 11.49 -1.00
N LEU A 100 18.93 11.15 -1.02
CA LEU A 100 18.48 9.93 -0.36
C LEU A 100 19.15 8.69 -0.95
N SER A 101 19.31 8.65 -2.27
N SER A 101 19.31 8.66 -2.27
CA SER A 101 19.95 7.51 -2.89
CA SER A 101 19.96 7.53 -2.92
C SER A 101 21.41 7.38 -2.46
C SER A 101 21.41 7.38 -2.46
N GLU A 102 22.11 8.50 -2.29
CA GLU A 102 23.50 8.48 -1.83
C GLU A 102 23.58 7.93 -0.41
N VAL A 103 22.65 8.35 0.44
CA VAL A 103 22.61 7.87 1.81
C VAL A 103 22.30 6.36 1.81
N PHE A 104 21.30 5.96 1.03
CA PHE A 104 20.92 4.55 0.98
C PHE A 104 22.08 3.67 0.52
N GLU A 105 22.78 4.09 -0.54
CA GLU A 105 23.88 3.28 -1.08
C GLU A 105 24.94 3.01 -0.02
N GLN A 106 25.22 4.03 0.79
CA GLN A 106 26.21 3.88 1.88
C GLN A 106 25.72 2.95 2.98
N GLU A 107 24.44 3.05 3.35
CA GLU A 107 23.94 2.30 4.51
C GLU A 107 23.66 0.84 4.18
N ILE A 108 23.18 0.57 2.97
CA ILE A 108 22.63 -0.74 2.66
C ILE A 108 23.68 -1.85 2.51
N ASP A 109 24.87 -1.50 2.06
N ASP A 109 24.87 -1.48 2.06
CA ASP A 109 25.85 -2.53 1.72
CA ASP A 109 25.88 -2.46 1.72
C ASP A 109 26.30 -3.40 2.91
C ASP A 109 26.30 -3.36 2.89
N PRO A 110 26.72 -2.78 4.03
CA PRO A 110 27.07 -3.66 5.16
C PRO A 110 25.90 -4.46 5.72
N VAL A 111 24.68 -3.96 5.56
CA VAL A 111 23.50 -4.65 6.05
C VAL A 111 23.23 -5.90 5.22
N MET A 112 23.31 -5.77 3.90
CA MET A 112 23.08 -6.89 3.01
C MET A 112 24.14 -7.97 3.23
N GLN A 113 25.38 -7.55 3.50
CA GLN A 113 26.46 -8.50 3.78
C GLN A 113 26.14 -9.34 5.03
N SER A 114 25.69 -8.67 6.08
CA SER A 114 25.34 -9.38 7.32
C SER A 114 24.19 -10.36 7.15
N LEU A 115 23.21 -10.01 6.33
CA LEU A 115 22.06 -10.89 6.09
C LEU A 115 22.47 -12.15 5.35
N GLY A 116 23.42 -12.02 4.43
CA GLY A 116 24.02 -13.17 3.75
C GLY A 116 23.09 -13.83 2.75
N SER B 1 -9.90 15.58 -15.62
CA SER B 1 -10.91 14.96 -14.74
C SER B 1 -11.36 15.92 -13.63
N MET B 2 -12.48 15.59 -13.01
CA MET B 2 -13.06 16.42 -11.95
C MET B 2 -12.30 16.29 -10.65
N ILE B 3 -12.31 17.38 -9.88
CA ILE B 3 -11.80 17.36 -8.53
C ILE B 3 -12.86 16.72 -7.64
N PHE B 4 -12.44 15.88 -6.71
CA PHE B 4 -13.32 15.39 -5.65
C PHE B 4 -12.73 15.75 -4.30
N LYS B 5 -13.52 16.41 -3.47
CA LYS B 5 -13.09 16.73 -2.12
C LYS B 5 -13.28 15.53 -1.20
N PRO B 6 -12.47 15.43 -0.13
CA PRO B 6 -12.58 14.26 0.74
C PRO B 6 -13.96 14.09 1.38
N GLU B 7 -14.59 15.18 1.81
CA GLU B 7 -15.92 15.09 2.43
C GLU B 7 -16.96 14.59 1.44
N GLU B 8 -16.86 15.04 0.19
CA GLU B 8 -17.74 14.58 -0.88
C GLU B 8 -17.61 13.07 -1.07
N LEU B 9 -16.38 12.58 -1.17
CA LEU B 9 -16.15 11.15 -1.34
C LEU B 9 -16.63 10.36 -0.13
N ARG B 10 -16.33 10.87 1.06
CA ARG B 10 -16.74 10.16 2.27
CA ARG B 10 -16.72 10.20 2.30
C ARG B 10 -18.26 10.08 2.38
N GLN B 11 -18.93 11.20 2.12
CA GLN B 11 -20.40 11.22 2.16
C GLN B 11 -21.01 10.23 1.18
N ALA B 12 -20.49 10.21 -0.04
CA ALA B 12 -21.04 9.37 -1.09
C ALA B 12 -20.73 7.89 -0.89
N LEU B 13 -19.51 7.59 -0.46
CA LEU B 13 -19.03 6.21 -0.47
C LEU B 13 -19.19 5.49 0.86
N MET B 14 -19.28 6.21 1.97
CA MET B 14 -19.40 5.55 3.28
CA MET B 14 -19.40 5.55 3.27
C MET B 14 -20.59 4.59 3.35
N PRO B 15 -21.75 4.95 2.76
CA PRO B 15 -22.86 3.98 2.78
C PRO B 15 -22.55 2.64 2.11
N THR B 16 -21.67 2.64 1.12
CA THR B 16 -21.31 1.39 0.47
C THR B 16 -20.37 0.58 1.36
N LEU B 17 -19.54 1.26 2.15
CA LEU B 17 -18.67 0.58 3.08
C LEU B 17 -19.50 0.05 4.26
N GLU B 18 -20.48 0.85 4.71
CA GLU B 18 -21.46 0.42 5.70
C GLU B 18 -22.15 -0.87 5.29
N ALA B 19 -22.55 -0.94 4.03
CA ALA B 19 -23.26 -2.11 3.52
C ALA B 19 -22.45 -3.39 3.73
N LEU B 20 -21.13 -3.27 3.65
CA LEU B 20 -20.26 -4.42 3.90
C LEU B 20 -20.13 -4.72 5.39
N TYR B 21 -19.80 -3.71 6.19
CA TYR B 21 -19.71 -3.88 7.65
C TYR B 21 -20.99 -4.49 8.21
N ARG B 22 -22.11 -4.07 7.63
CA ARG B 22 -23.45 -4.57 7.95
C ARG B 22 -23.62 -6.09 7.83
N GLN B 23 -22.83 -6.73 6.99
CA GLN B 23 -22.93 -8.16 6.74
C GLN B 23 -22.20 -8.88 7.87
N ASP B 24 -22.97 -9.55 8.72
CA ASP B 24 -22.45 -10.23 9.90
C ASP B 24 -23.00 -11.65 9.79
N PRO B 25 -22.15 -12.68 9.69
CA PRO B 25 -20.70 -12.67 9.98
C PRO B 25 -19.77 -12.47 8.77
N GLU B 26 -20.31 -12.23 7.58
CA GLU B 26 -19.49 -12.31 6.37
C GLU B 26 -18.36 -11.28 6.35
N SER B 27 -18.57 -10.13 6.97
CA SER B 27 -17.52 -9.09 7.01
C SER B 27 -16.47 -9.34 8.07
N LEU B 28 -16.71 -10.25 9.03
CA LEU B 28 -15.82 -10.37 10.17
C LEU B 28 -14.36 -10.64 9.81
N PRO B 29 -14.10 -11.58 8.88
CA PRO B 29 -12.68 -11.79 8.50
C PRO B 29 -12.03 -10.64 7.71
N PHE B 30 -12.81 -9.60 7.38
CA PHE B 30 -12.33 -8.47 6.57
C PHE B 30 -12.25 -7.16 7.36
N ARG B 31 -12.61 -7.17 8.65
CA ARG B 31 -12.65 -5.94 9.45
C ARG B 31 -11.28 -5.48 10.00
N GLN B 32 -10.24 -6.26 9.76
CA GLN B 32 -8.88 -5.95 10.21
C GLN B 32 -7.91 -6.57 9.23
N PRO B 33 -6.68 -6.04 9.14
CA PRO B 33 -5.71 -6.63 8.23
C PRO B 33 -5.42 -8.09 8.57
N VAL B 34 -5.26 -8.91 7.55
CA VAL B 34 -4.82 -10.29 7.75
C VAL B 34 -3.48 -10.28 8.52
N ASP B 35 -3.42 -10.99 9.64
CA ASP B 35 -2.18 -11.16 10.40
C ASP B 35 -1.70 -12.60 10.20
N PRO B 36 -0.75 -12.81 9.26
CA PRO B 36 -0.42 -14.19 8.89
C PRO B 36 0.13 -15.06 10.03
N GLN B 37 0.91 -14.47 10.95
CA GLN B 37 1.47 -15.25 12.05
C GLN B 37 0.37 -15.65 13.04
N LEU B 38 -0.51 -14.70 13.39
CA LEU B 38 -1.64 -15.01 14.28
C LEU B 38 -2.57 -16.07 13.68
N LEU B 39 -2.83 -15.96 12.38
CA LEU B 39 -3.73 -16.89 11.70
C LEU B 39 -3.09 -18.20 11.27
N GLY B 40 -1.79 -18.34 11.50
CA GLY B 40 -1.09 -19.57 11.17
C GLY B 40 -0.94 -19.83 9.68
N ILE B 41 -0.80 -18.76 8.90
CA ILE B 41 -0.63 -18.85 7.45
C ILE B 41 0.58 -18.00 7.02
N PRO B 42 1.79 -18.39 7.45
CA PRO B 42 2.97 -17.56 7.18
C PRO B 42 3.29 -17.30 5.70
N ASP B 43 2.70 -18.06 4.77
CA ASP B 43 2.94 -17.83 3.34
C ASP B 43 2.01 -16.79 2.72
N TYR B 44 1.15 -16.15 3.52
CA TYR B 44 0.11 -15.27 2.99
C TYR B 44 0.67 -14.20 2.05
N PHE B 45 1.71 -13.49 2.50
CA PHE B 45 2.32 -12.43 1.68
C PHE B 45 3.20 -12.93 0.54
N ASP B 46 3.55 -14.22 0.51
CA ASP B 46 4.14 -14.79 -0.70
C ASP B 46 3.17 -14.68 -1.87
N ILE B 47 1.88 -14.83 -1.56
CA ILE B 47 0.82 -14.92 -2.56
CA ILE B 47 0.83 -14.92 -2.58
C ILE B 47 0.12 -13.57 -2.75
N VAL B 48 -0.18 -12.90 -1.64
CA VAL B 48 -0.88 -11.62 -1.66
C VAL B 48 0.13 -10.48 -1.54
N LYS B 49 0.38 -9.79 -2.66
CA LYS B 49 1.41 -8.76 -2.70
C LYS B 49 0.94 -7.39 -2.23
N SER B 50 -0.38 -7.16 -2.20
N SER B 50 -0.38 -7.17 -2.19
CA SER B 50 -0.93 -5.88 -1.79
CA SER B 50 -0.96 -5.88 -1.80
C SER B 50 -2.15 -6.12 -0.91
C SER B 50 -2.17 -6.11 -0.92
N PRO B 51 -1.95 -6.31 0.40
CA PRO B 51 -3.09 -6.58 1.27
C PRO B 51 -4.02 -5.40 1.45
N MET B 52 -5.28 -5.69 1.70
CA MET B 52 -6.27 -4.65 1.94
C MET B 52 -7.39 -5.23 2.76
N ASP B 53 -8.02 -4.38 3.56
CA ASP B 53 -9.13 -4.77 4.42
C ASP B 53 -10.02 -3.55 4.70
N LEU B 54 -11.17 -3.80 5.32
CA LEU B 54 -12.15 -2.77 5.57
C LEU B 54 -11.64 -1.65 6.47
N SER B 55 -10.86 -2.00 7.50
CA SER B 55 -10.36 -0.97 8.40
C SER B 55 -9.40 0.00 7.69
N THR B 56 -8.61 -0.52 6.76
CA THR B 56 -7.67 0.31 6.02
C THR B 56 -8.43 1.23 5.05
N ILE B 57 -9.44 0.69 4.37
CA ILE B 57 -10.27 1.47 3.45
C ILE B 57 -10.98 2.59 4.21
N LYS B 58 -11.56 2.25 5.36
CA LYS B 58 -12.21 3.25 6.19
C LYS B 58 -11.25 4.36 6.59
N ARG B 59 -10.06 3.99 7.04
CA ARG B 59 -9.07 4.99 7.44
C ARG B 59 -8.71 5.89 6.26
N LYS B 60 -8.55 5.32 5.08
CA LYS B 60 -8.19 6.10 3.91
C LYS B 60 -9.33 7.05 3.52
N LEU B 61 -10.57 6.60 3.63
CA LEU B 61 -11.71 7.50 3.39
C LEU B 61 -11.74 8.62 4.44
N ASP B 62 -11.51 8.26 5.69
CA ASP B 62 -11.57 9.22 6.78
C ASP B 62 -10.47 10.28 6.69
N THR B 63 -9.33 9.94 6.06
CA THR B 63 -8.17 10.83 6.01
C THR B 63 -7.93 11.43 4.63
N GLY B 64 -8.87 11.24 3.70
CA GLY B 64 -8.77 11.86 2.39
C GLY B 64 -7.69 11.29 1.47
N GLN B 65 -7.36 10.01 1.63
CA GLN B 65 -6.30 9.40 0.82
C GLN B 65 -6.74 8.97 -0.58
N TYR B 66 -8.03 9.08 -0.89
CA TYR B 66 -8.52 8.84 -2.24
C TYR B 66 -8.78 10.17 -2.91
N GLN B 67 -8.27 10.34 -4.13
CA GLN B 67 -8.51 11.56 -4.89
C GLN B 67 -9.80 11.49 -5.68
N GLU B 68 -10.18 10.28 -6.09
CA GLU B 68 -11.35 10.09 -6.94
C GLU B 68 -11.96 8.73 -6.66
N PRO B 69 -13.26 8.54 -6.93
CA PRO B 69 -13.95 7.37 -6.37
C PRO B 69 -13.48 5.99 -6.87
N TRP B 70 -12.92 5.94 -8.08
CA TRP B 70 -12.45 4.65 -8.59
C TRP B 70 -11.28 4.11 -7.77
N GLN B 71 -10.53 4.98 -7.09
CA GLN B 71 -9.46 4.50 -6.19
C GLN B 71 -10.02 3.75 -4.99
N TYR B 72 -11.18 4.21 -4.50
CA TYR B 72 -11.89 3.49 -3.43
C TYR B 72 -12.36 2.11 -3.94
N VAL B 73 -12.98 2.09 -5.11
CA VAL B 73 -13.42 0.87 -5.74
C VAL B 73 -12.22 -0.09 -5.92
N ASP B 74 -11.09 0.44 -6.35
CA ASP B 74 -9.87 -0.37 -6.53
C ASP B 74 -9.51 -1.11 -5.25
N ASP B 75 -9.57 -0.42 -4.12
CA ASP B 75 -9.24 -1.03 -2.85
C ASP B 75 -10.25 -2.08 -2.41
N ILE B 76 -11.53 -1.83 -2.64
CA ILE B 76 -12.57 -2.84 -2.37
C ILE B 76 -12.30 -4.09 -3.21
N TRP B 77 -12.07 -3.89 -4.50
CA TRP B 77 -11.80 -5.02 -5.39
C TRP B 77 -10.52 -5.76 -5.00
N LEU B 78 -9.50 -5.01 -4.58
CA LEU B 78 -8.25 -5.60 -4.15
C LEU B 78 -8.50 -6.52 -2.95
N MET B 79 -9.26 -6.04 -1.98
CA MET B 79 -9.61 -6.85 -0.82
C MET B 79 -10.28 -8.15 -1.27
N PHE B 80 -11.26 -8.06 -2.15
CA PHE B 80 -11.95 -9.25 -2.64
C PHE B 80 -11.02 -10.16 -3.43
N ASN B 81 -10.25 -9.57 -4.35
CA ASN B 81 -9.37 -10.37 -5.20
C ASN B 81 -8.37 -11.14 -4.38
N ASN B 82 -7.85 -10.52 -3.33
CA ASN B 82 -6.89 -11.18 -2.46
C ASN B 82 -7.50 -12.41 -1.80
N ALA B 83 -8.73 -12.26 -1.30
CA ALA B 83 -9.40 -13.39 -0.65
C ALA B 83 -9.74 -14.49 -1.63
N TRP B 84 -10.19 -14.13 -2.83
CA TRP B 84 -10.50 -15.16 -3.84
C TRP B 84 -9.24 -15.87 -4.34
N LEU B 85 -8.11 -15.19 -4.28
CA LEU B 85 -6.83 -15.77 -4.70
C LEU B 85 -6.28 -16.74 -3.68
N TYR B 86 -6.19 -16.30 -2.43
CA TYR B 86 -5.48 -17.08 -1.42
C TYR B 86 -6.29 -18.31 -0.97
N ASN B 87 -7.60 -18.14 -0.82
CA ASN B 87 -8.45 -19.16 -0.22
C ASN B 87 -9.04 -20.09 -1.27
N ARG B 88 -9.27 -21.34 -0.87
CA ARG B 88 -9.87 -22.31 -1.77
C ARG B 88 -11.34 -21.95 -2.01
N LYS B 89 -11.86 -22.35 -3.17
CA LYS B 89 -13.26 -22.03 -3.52
C LYS B 89 -14.27 -22.49 -2.48
N THR B 90 -14.02 -23.62 -1.84
CA THR B 90 -14.94 -24.19 -0.87
C THR B 90 -14.75 -23.66 0.55
N SER B 91 -13.81 -22.74 0.76
CA SER B 91 -13.51 -22.22 2.09
C SER B 91 -14.51 -21.15 2.53
N ARG B 92 -14.64 -21.01 3.84
CA ARG B 92 -15.52 -20.01 4.43
C ARG B 92 -15.21 -18.60 3.98
N VAL B 93 -13.95 -18.20 4.04
CA VAL B 93 -13.57 -16.84 3.68
C VAL B 93 -13.83 -16.54 2.21
N TYR B 94 -13.57 -17.52 1.33
CA TYR B 94 -13.91 -17.35 -0.09
C TYR B 94 -15.41 -17.11 -0.25
N LYS B 95 -16.23 -17.94 0.41
CA LYS B 95 -17.68 -17.80 0.31
C LYS B 95 -18.16 -16.48 0.90
N TYR B 96 -17.60 -16.09 2.04
CA TYR B 96 -17.91 -14.78 2.64
C TYR B 96 -17.56 -13.66 1.67
N CYS B 97 -16.38 -13.77 1.06
CA CYS B 97 -15.96 -12.79 0.06
C CYS B 97 -16.99 -12.63 -1.05
N SER B 98 -17.49 -13.76 -1.55
CA SER B 98 -18.47 -13.74 -2.63
C SER B 98 -19.74 -13.00 -2.21
N LYS B 99 -20.18 -13.21 -0.97
CA LYS B 99 -21.35 -12.52 -0.46
C LYS B 99 -21.11 -11.01 -0.38
N LEU B 100 -19.96 -10.61 0.15
CA LEU B 100 -19.61 -9.20 0.24
C LEU B 100 -19.57 -8.57 -1.15
N SER B 101 -19.03 -9.28 -2.13
CA SER B 101 -18.97 -8.76 -3.49
C SER B 101 -20.36 -8.55 -4.08
N GLU B 102 -21.26 -9.52 -3.87
CA GLU B 102 -22.63 -9.38 -4.35
C GLU B 102 -23.31 -8.14 -3.75
N VAL B 103 -23.11 -7.93 -2.46
CA VAL B 103 -23.66 -6.77 -1.78
C VAL B 103 -23.05 -5.48 -2.32
N PHE B 104 -21.72 -5.44 -2.44
CA PHE B 104 -21.02 -4.26 -2.94
C PHE B 104 -21.48 -3.88 -4.35
N GLU B 105 -21.59 -4.86 -5.22
CA GLU B 105 -21.92 -4.55 -6.62
C GLU B 105 -23.31 -3.95 -6.76
N GLN B 106 -24.25 -4.38 -5.92
CA GLN B 106 -25.58 -3.78 -5.88
C GLN B 106 -25.55 -2.33 -5.37
N GLU B 107 -24.72 -2.06 -4.38
CA GLU B 107 -24.71 -0.73 -3.77
C GLU B 107 -23.90 0.29 -4.55
N ILE B 108 -22.81 -0.15 -5.18
CA ILE B 108 -21.83 0.80 -5.74
C ILE B 108 -22.30 1.45 -7.05
N ASP B 109 -23.08 0.73 -7.84
CA ASP B 109 -23.44 1.23 -9.16
C ASP B 109 -24.23 2.56 -9.12
N PRO B 110 -25.33 2.64 -8.34
CA PRO B 110 -26.02 3.94 -8.28
C PRO B 110 -25.16 5.05 -7.69
N VAL B 111 -24.29 4.70 -6.74
CA VAL B 111 -23.43 5.68 -6.12
C VAL B 111 -22.42 6.24 -7.14
N MET B 112 -21.81 5.37 -7.93
CA MET B 112 -20.85 5.81 -8.95
C MET B 112 -21.53 6.61 -10.06
N GLN B 113 -22.77 6.26 -10.38
CA GLN B 113 -23.55 7.05 -11.33
C GLN B 113 -23.75 8.47 -10.80
N SER B 114 -24.09 8.59 -9.52
CA SER B 114 -24.31 9.91 -8.93
C SER B 114 -23.03 10.75 -8.87
N LEU B 115 -21.88 10.09 -8.77
CA LEU B 115 -20.59 10.80 -8.66
C LEU B 115 -20.01 11.22 -10.00
N GLY B 116 -20.40 10.56 -11.08
CA GLY B 116 -19.91 10.90 -12.42
C GLY B 116 -20.65 12.09 -12.99
O1 99E C . 7.50 19.89 -3.04
C11 99E C . 6.60 18.39 -0.66
C21 99E C . 9.58 20.26 0.54
C7 99E C . 5.72 16.63 -6.03
C8 99E C . 6.86 17.46 -6.60
C10 99E C . 6.12 14.27 -8.34
C1 99E C . 5.97 16.07 -2.81
C2 99E C . 6.41 15.16 -3.87
N3 99E C . 6.97 13.98 -3.63
C4 99E C . 7.28 13.31 -4.74
C5 99E C . 6.88 14.17 -5.88
C6 99E C . 6.28 15.42 -5.32
C9 99E C . 7.05 13.74 -7.30
C12 99E C . 7.92 11.95 -4.73
N13 99E C . 6.17 17.36 -2.89
O15 99E C . 5.44 15.57 -1.83
O16 99E C . 7.90 12.91 -7.57
C3 99E C . 5.67 18.18 -1.84
C13 99E C . 6.27 17.73 0.54
C14 99E C . 7.03 17.92 1.70
C15 99E C . 8.12 18.78 1.67
C16 99E C . 8.46 19.43 0.50
C17 99E C . 7.71 19.27 -0.68
C18 99E C . 8.13 19.97 -1.84
C19 99E C . 9.24 20.81 -1.78
C20 99E C . 9.96 20.95 -0.60
O22 99E C . 5.21 16.88 0.60
C1 EDO D . 0.97 8.46 6.01
O1 EDO D . 2.25 9.09 5.89
C2 EDO D . 0.34 8.29 4.64
O2 EDO D . -0.69 9.28 4.45
C1 EDO E . 7.21 8.58 10.84
O1 EDO E . 7.15 7.42 11.67
C2 EDO E . 8.44 9.42 11.19
O2 EDO E . 8.31 10.74 10.65
C1 EDO F . 22.67 -1.59 10.69
O1 EDO F . 22.77 -0.39 9.91
C2 EDO F . 21.34 -2.28 10.40
O2 EDO F . 21.44 -3.70 10.43
C1 EDO G . 3.80 22.28 -0.04
O1 EDO G . 5.18 22.19 -0.41
C2 EDO G . 3.42 21.07 0.81
O2 EDO G . 4.35 20.93 1.90
O1 99E H . -11.30 -17.66 10.00
C11 99E H . -11.59 -14.97 11.17
C21 99E H . -15.04 -16.34 11.25
C7 99E H . -7.74 -16.32 7.19
C8 99E H . -8.51 -17.47 6.60
C10 99E H . -6.40 -15.70 4.25
C1 99E H . -9.51 -14.12 8.90
C2 99E H . -9.13 -14.00 7.48
N3 99E H . -9.47 -12.96 6.72
C4 99E H . -9.00 -13.07 5.47
C5 99E H . -8.26 -14.35 5.38
C6 99E H . -8.32 -15.00 6.72
C9 99E H . -7.59 -14.80 4.13
C12 99E H . -9.23 -12.06 4.39
N13 99E H . -9.85 -15.28 9.42
O15 99E H . -9.52 -13.10 9.56
O16 99E H . -8.00 -14.39 3.06
C3 99E H . -10.15 -15.29 10.83
C13 99E H . -11.86 -13.72 11.74
C14 99E H . -13.15 -13.36 12.13
C15 99E H . -14.19 -14.24 11.96
C16 99E H . -13.95 -15.49 11.40
C17 99E H . -12.65 -15.88 10.99
C18 99E H . -12.50 -17.17 10.43
C19 99E H . -13.60 -18.01 10.30
C20 99E H . -14.87 -17.59 10.70
O22 99E H . -10.87 -12.80 11.92
C1 EDO I . -4.51 5.63 -3.93
O1 EDO I . -5.19 6.80 -3.48
C2 EDO I . -4.69 4.55 -2.87
O2 EDO I . -3.86 3.41 -3.15
#